data_4ED4
#
_entry.id   4ED4
#
_cell.length_a   46.450
_cell.length_b   53.360
_cell.length_c   109.110
_cell.angle_alpha   90.000
_cell.angle_beta   90.000
_cell.angle_gamma   90.000
#
_symmetry.space_group_name_H-M   'P 21 2 21'
#
loop_
_entity.id
_entity.type
_entity.pdbx_description
1 polymer '4-diphosphocytidyl-2-C-methyl-D-erythritol kinase'
2 non-polymer "ADENOSINE-5'-TRIPHOSPHATE"
3 water water
#
_entity_poly.entity_id   1
_entity_poly.type   'polypeptide(L)'
_entity_poly.pdbx_seq_one_letter_code
;GPGSMSETVSDWVPTGAVTVRAPGKVNLYLAVGDLRDDGYHELTTVFHAVSLADDVTVRDADVLSIDVVGQGEGTVPTDE
RNLAWQAAELFADHVGRAPDVSIFINKDIPVAGGMAGGSADAAAVLVAMNELWHAGVPRRDLHHLAAQLGSDVPFALHGG
TALGTGRGEQLATVLARNVFHWVFAFADGGLATPQVFKEIDRLRENGDPPRLAEADELLGALAAGDARRLAPLLGNELQA
AAVSLNPELRRTLRAGESAGALAGIVSGSGPTCAFLCTSADDAVQVSAELAGAGVCRTVRVASGPVHGAQVIQGRSDG
;
_entity_poly.pdbx_strand_id   A
#
loop_
_chem_comp.id
_chem_comp.type
_chem_comp.name
_chem_comp.formula
ATP non-polymer ADENOSINE-5'-TRIPHOSPHATE 'C10 H16 N5 O13 P3'
#
# COMPACT_ATOMS: atom_id res chain seq x y z
N SER A 10 20.30 8.30 1.43
CA SER A 10 19.58 9.59 1.80
C SER A 10 18.66 9.43 3.03
N ASP A 11 18.43 8.17 3.45
CA ASP A 11 17.63 7.87 4.64
C ASP A 11 18.33 8.39 5.89
N TRP A 12 17.52 8.83 6.86
CA TRP A 12 18.00 9.22 8.19
C TRP A 12 18.43 7.99 9.01
N VAL A 13 19.74 7.82 9.18
CA VAL A 13 20.32 6.60 9.80
C VAL A 13 21.36 6.93 10.90
N PRO A 14 20.99 7.76 11.89
CA PRO A 14 21.96 8.16 12.95
C PRO A 14 22.43 6.98 13.82
N THR A 15 23.61 7.09 14.42
CA THR A 15 24.12 6.06 15.31
C THR A 15 23.15 5.86 16.49
N GLY A 16 22.86 4.59 16.75
CA GLY A 16 21.91 4.22 17.78
C GLY A 16 20.53 3.97 17.20
N ALA A 17 20.24 4.62 16.09
CA ALA A 17 18.92 4.56 15.46
C ALA A 17 18.78 3.29 14.62
N VAL A 18 17.55 2.88 14.35
CA VAL A 18 17.25 1.87 13.33
C VAL A 18 16.30 2.54 12.30
N THR A 19 16.67 2.49 11.01
CA THR A 19 15.79 3.00 9.96
C THR A 19 15.33 1.79 9.16
N VAL A 20 14.03 1.76 8.89
CA VAL A 20 13.40 0.67 8.18
C VAL A 20 12.58 1.31 7.06
N ARG A 21 12.71 0.71 5.87
CA ARG A 21 11.93 1.07 4.66
C ARG A 21 10.81 0.06 4.50
N ALA A 22 9.58 0.56 4.36
CA ALA A 22 8.41 -0.32 4.13
C ALA A 22 7.61 0.19 2.96
N PRO A 23 7.23 -0.71 2.07
CA PRO A 23 6.69 -0.34 0.78
C PRO A 23 5.20 -0.06 0.81
N GLY A 24 4.74 0.81 -0.08
CA GLY A 24 3.32 0.87 -0.40
C GLY A 24 2.86 -0.33 -1.23
N LYS A 25 1.56 -0.48 -1.35
CA LYS A 25 1.00 -1.56 -2.16
C LYS A 25 0.02 -1.12 -3.20
N VAL A 26 -0.20 -2.00 -4.18
CA VAL A 26 -1.31 -1.91 -5.10
C VAL A 26 -1.95 -3.26 -5.13
N ASN A 27 -3.27 -3.32 -5.20
CA ASN A 27 -3.96 -4.59 -5.31
C ASN A 27 -4.11 -4.94 -6.80
N LEU A 28 -3.48 -6.02 -7.25
CA LEU A 28 -3.57 -6.39 -8.62
C LEU A 28 -4.95 -6.98 -8.90
N TYR A 29 -5.49 -7.60 -7.87
CA TYR A 29 -6.74 -8.33 -7.89
C TYR A 29 -7.37 -8.10 -6.54
N LEU A 30 -8.63 -7.69 -6.52
CA LEU A 30 -9.32 -7.50 -5.26
C LEU A 30 -10.80 -7.85 -5.40
N ALA A 31 -11.14 -9.04 -4.90
CA ALA A 31 -12.54 -9.53 -4.80
C ALA A 31 -13.04 -9.33 -3.38
N VAL A 32 -14.22 -8.74 -3.27
CA VAL A 32 -14.80 -8.42 -2.00
C VAL A 32 -16.07 -9.21 -1.76
N GLY A 33 -16.08 -9.95 -0.68
CA GLY A 33 -17.25 -10.73 -0.31
C GLY A 33 -18.19 -9.98 0.62
N ASP A 34 -18.85 -10.73 1.50
CA ASP A 34 -19.85 -10.20 2.42
C ASP A 34 -19.30 -9.51 3.64
N LEU A 35 -20.08 -8.53 4.10
CA LEU A 35 -20.43 -8.34 5.51
C LEU A 35 -19.49 -8.98 6.53
N TYR A 40 -15.12 -6.73 9.51
CA TYR A 40 -14.42 -6.74 8.23
C TYR A 40 -15.22 -7.46 7.08
N HIS A 41 -14.80 -7.24 5.81
CA HIS A 41 -15.36 -8.01 4.65
C HIS A 41 -14.44 -9.16 4.33
N GLU A 42 -14.99 -10.26 3.86
CA GLU A 42 -14.15 -11.36 3.37
C GLU A 42 -13.47 -10.84 2.10
N LEU A 43 -12.18 -11.10 1.95
CA LEU A 43 -11.42 -10.58 0.79
C LEU A 43 -10.63 -11.67 0.14
N THR A 44 -10.48 -11.62 -1.19
CA THR A 44 -9.43 -12.39 -1.85
C THR A 44 -8.65 -11.37 -2.66
N THR A 45 -7.38 -11.18 -2.35
CA THR A 45 -6.63 -10.14 -3.04
C THR A 45 -5.22 -10.56 -3.36
N VAL A 46 -4.69 -10.03 -4.47
CA VAL A 46 -3.29 -10.16 -4.77
C VAL A 46 -2.61 -8.81 -4.51
N PHE A 47 -1.86 -8.74 -3.41
CA PHE A 47 -1.11 -7.55 -3.02
C PHE A 47 0.20 -7.57 -3.80
N HIS A 48 0.70 -6.38 -4.16
CA HIS A 48 1.98 -6.25 -4.85
C HIS A 48 2.67 -5.03 -4.29
N ALA A 49 3.87 -5.22 -3.76
CA ALA A 49 4.61 -4.13 -3.11
C ALA A 49 5.45 -3.38 -4.11
N VAL A 50 5.41 -2.06 -4.03
CA VAL A 50 6.08 -1.22 -5.00
C VAL A 50 7.06 -0.26 -4.37
N SER A 51 7.93 0.31 -5.19
CA SER A 51 9.06 1.11 -4.72
C SER A 51 8.72 2.54 -4.21
N LEU A 52 7.43 2.86 -4.10
CA LEU A 52 7.03 4.05 -3.42
C LEU A 52 6.86 3.63 -1.94
N ALA A 53 7.72 4.16 -1.06
CA ALA A 53 7.87 3.58 0.28
C ALA A 53 7.96 4.66 1.34
N ASP A 54 7.77 4.27 2.59
CA ASP A 54 8.07 5.14 3.69
C ASP A 54 9.30 4.65 4.42
N ASP A 55 10.07 5.61 4.93
CA ASP A 55 11.23 5.30 5.71
CA ASP A 55 11.29 5.38 5.66
C ASP A 55 11.07 5.84 7.12
N VAL A 56 11.26 4.95 8.06
CA VAL A 56 10.93 5.21 9.43
C VAL A 56 12.16 4.99 10.27
N THR A 57 12.58 6.05 10.97
CA THR A 57 13.71 6.04 11.88
C THR A 57 13.28 6.03 13.32
N VAL A 58 13.71 5.02 14.02
CA VAL A 58 13.28 4.83 15.42
C VAL A 58 14.50 4.89 16.32
N ARG A 59 14.37 5.64 17.43
CA ARG A 59 15.44 5.81 18.39
C ARG A 59 14.92 5.60 19.79
N ASP A 60 15.79 5.19 20.72
CA ASP A 60 15.36 5.23 22.11
C ASP A 60 15.19 6.68 22.51
N ALA A 61 14.22 6.93 23.35
CA ALA A 61 13.95 8.30 23.78
C ALA A 61 13.30 8.21 25.16
N ASP A 62 13.00 9.35 25.74
CA ASP A 62 12.42 9.41 27.09
C ASP A 62 10.92 9.10 27.03
N VAL A 63 10.28 9.39 25.90
CA VAL A 63 8.86 9.20 25.75
C VAL A 63 8.58 8.79 24.32
N LEU A 64 7.43 8.15 24.12
CA LEU A 64 6.90 7.88 22.76
C LEU A 64 6.52 9.13 22.00
N SER A 65 7.06 9.30 20.78
CA SER A 65 6.73 10.45 19.93
C SER A 65 6.80 10.07 18.46
N ILE A 66 6.09 10.85 17.65
CA ILE A 66 5.99 10.69 16.21
C ILE A 66 6.18 12.01 15.52
N ASP A 67 7.04 12.03 14.49
CA ASP A 67 7.22 13.21 13.62
CA ASP A 67 7.17 13.21 13.64
C ASP A 67 7.10 12.75 12.19
N VAL A 68 6.54 13.59 11.30
CA VAL A 68 6.35 13.20 9.94
C VAL A 68 6.84 14.27 8.98
N VAL A 69 7.54 13.84 7.95
CA VAL A 69 7.82 14.72 6.81
C VAL A 69 7.38 14.02 5.53
N GLY A 70 7.26 14.79 4.46
CA GLY A 70 6.86 14.23 3.17
C GLY A 70 5.35 14.29 2.98
N GLN A 71 4.78 13.26 2.36
CA GLN A 71 3.31 13.21 2.14
C GLN A 71 2.58 13.31 3.46
N GLY A 72 1.62 14.22 3.58
CA GLY A 72 0.93 14.43 4.87
C GLY A 72 1.75 15.10 6.00
N GLU A 73 2.92 15.62 5.66
CA GLU A 73 3.68 16.45 6.61
C GLU A 73 2.76 17.33 7.48
N GLY A 74 1.82 18.04 6.86
CA GLY A 74 0.97 18.93 7.66
C GLY A 74 0.05 18.18 8.62
N THR A 75 -0.52 17.10 8.13
CA THR A 75 -1.83 16.64 8.52
C THR A 75 -1.92 15.27 9.18
N VAL A 76 -0.96 14.37 8.90
CA VAL A 76 -0.91 13.08 9.56
C VAL A 76 -0.74 13.27 11.07
N PRO A 77 -1.65 12.70 11.85
CA PRO A 77 -1.57 12.92 13.28
C PRO A 77 -0.33 12.32 13.93
N THR A 78 0.13 12.96 15.00
CA THR A 78 1.34 12.54 15.70
C THR A 78 1.01 11.97 17.08
N ASP A 79 -0.27 11.76 17.36
CA ASP A 79 -0.72 11.18 18.60
C ASP A 79 -1.23 9.72 18.43
N GLU A 80 -2.07 9.28 19.35
CA GLU A 80 -2.57 7.93 19.43
C GLU A 80 -3.33 7.51 18.14
N ARG A 81 -3.71 8.49 17.33
CA ARG A 81 -4.38 8.19 16.06
C ARG A 81 -3.46 7.53 15.07
N ASN A 82 -2.15 7.76 15.22
CA ASN A 82 -1.22 7.23 14.23
C ASN A 82 -1.05 5.72 14.43
N LEU A 83 -1.13 4.96 13.34
CA LEU A 83 -1.02 3.54 13.42
C LEU A 83 0.39 3.16 13.95
N ALA A 84 1.36 4.05 13.74
CA ALA A 84 2.72 3.76 14.22
C ALA A 84 2.80 3.87 15.73
N TRP A 85 1.96 4.72 16.30
CA TRP A 85 1.85 4.85 17.77
C TRP A 85 1.32 3.52 18.36
N GLN A 86 0.27 3.04 17.74
CA GLN A 86 -0.35 1.79 18.10
C GLN A 86 0.61 0.63 17.94
N ALA A 87 1.42 0.63 16.87
CA ALA A 87 2.44 -0.37 16.68
C ALA A 87 3.49 -0.37 17.78
N ALA A 88 4.02 0.79 18.13
CA ALA A 88 5.04 0.87 19.20
C ALA A 88 4.50 0.36 20.53
N GLU A 89 3.25 0.73 20.84
CA GLU A 89 2.65 0.30 22.10
C GLU A 89 2.49 -1.21 22.13
N LEU A 90 1.98 -1.78 21.03
CA LEU A 90 1.77 -3.21 20.94
C LEU A 90 3.09 -4.00 21.05
N PHE A 91 4.11 -3.56 20.32
CA PHE A 91 5.40 -4.24 20.37
C PHE A 91 6.06 -4.13 21.75
N ALA A 92 6.00 -2.94 22.36
CA ALA A 92 6.58 -2.72 23.71
C ALA A 92 5.92 -3.68 24.70
N ASP A 93 4.61 -3.74 24.64
CA ASP A 93 3.89 -4.62 25.52
C ASP A 93 4.30 -6.08 25.30
N HIS A 94 4.36 -6.50 24.04
CA HIS A 94 4.75 -7.87 23.73
C HIS A 94 6.06 -8.27 24.39
N VAL A 95 7.06 -7.39 24.40
CA VAL A 95 8.39 -7.73 24.96
C VAL A 95 8.63 -7.22 26.40
N GLY A 96 7.58 -6.71 27.03
CA GLY A 96 7.65 -6.24 28.41
C GLY A 96 8.50 -5.00 28.69
N ARG A 97 8.34 -3.96 27.87
CA ARG A 97 9.10 -2.72 28.05
C ARG A 97 8.15 -1.59 27.80
N ALA A 98 8.52 -0.40 28.23
CA ALA A 98 7.73 0.77 27.90
C ALA A 98 8.05 1.21 26.46
N PRO A 99 7.10 1.83 25.78
CA PRO A 99 7.32 2.21 24.38
C PRO A 99 8.07 3.52 24.26
N ASP A 100 9.23 3.62 24.90
CA ASP A 100 9.94 4.89 24.96
C ASP A 100 10.88 5.03 23.73
N VAL A 101 10.25 5.32 22.60
CA VAL A 101 10.99 5.51 21.34
C VAL A 101 10.46 6.72 20.63
N SER A 102 11.33 7.40 19.92
CA SER A 102 10.87 8.41 18.99
C SER A 102 10.80 7.77 17.60
N ILE A 103 9.77 8.16 16.87
CA ILE A 103 9.51 7.60 15.56
C ILE A 103 9.43 8.75 14.54
N PHE A 104 10.30 8.72 13.54
CA PHE A 104 10.33 9.70 12.46
C PHE A 104 9.97 9.03 11.13
N ILE A 105 8.93 9.55 10.48
CA ILE A 105 8.39 8.94 9.27
C ILE A 105 8.60 9.89 8.10
N ASN A 106 9.36 9.46 7.14
CA ASN A 106 9.53 10.20 5.91
C ASN A 106 8.71 9.47 4.85
N LYS A 107 7.59 10.09 4.49
CA LYS A 107 6.52 9.41 3.73
CA LYS A 107 6.54 9.43 3.75
C LYS A 107 6.55 9.78 2.26
N ASP A 108 6.66 8.77 1.41
CA ASP A 108 6.33 8.93 -0.03
C ASP A 108 4.98 8.30 -0.40
N ILE A 109 4.42 7.47 0.48
CA ILE A 109 3.13 6.81 0.21
C ILE A 109 2.01 7.82 0.49
N PRO A 110 1.04 7.96 -0.43
CA PRO A 110 0.03 9.01 -0.26
C PRO A 110 -0.81 8.74 0.95
N VAL A 111 -1.23 9.78 1.64
CA VAL A 111 -2.16 9.62 2.73
C VAL A 111 -3.60 9.32 2.22
N ALA A 112 -4.23 8.33 2.83
CA ALA A 112 -5.64 7.94 2.54
C ALA A 112 -5.83 7.66 1.06
N GLY A 113 -4.81 7.04 0.44
CA GLY A 113 -4.78 6.90 -0.97
C GLY A 113 -4.90 5.53 -1.54
N GLY A 114 -5.13 4.54 -0.69
CA GLY A 114 -5.33 3.15 -1.11
C GLY A 114 -4.05 2.36 -1.32
N MET A 115 -2.91 2.89 -0.87
CA MET A 115 -1.63 2.15 -0.98
C MET A 115 -1.08 1.69 0.41
N ALA A 116 -1.91 1.80 1.43
CA ALA A 116 -1.64 1.32 2.78
C ALA A 116 -0.36 1.97 3.39
N GLY A 117 -0.26 3.29 3.32
CA GLY A 117 0.91 3.93 3.88
C GLY A 117 1.01 3.91 5.40
N GLY A 118 -0.11 4.05 6.11
CA GLY A 118 -0.10 3.92 7.58
C GLY A 118 0.31 2.51 8.03
N SER A 119 -0.12 1.51 7.24
CA SER A 119 0.27 0.16 7.46
C SER A 119 1.74 -0.08 7.24
N ALA A 120 2.31 0.53 6.22
CA ALA A 120 3.76 0.48 5.99
C ALA A 120 4.51 1.03 7.23
N ASP A 121 4.01 2.16 7.76
CA ASP A 121 4.62 2.85 8.89
C ASP A 121 4.59 1.96 10.12
N ALA A 122 3.46 1.30 10.34
CA ALA A 122 3.28 0.42 11.49
C ALA A 122 4.20 -0.80 11.37
N ALA A 123 4.23 -1.44 10.19
CA ALA A 123 5.14 -2.57 9.96
C ALA A 123 6.60 -2.17 10.18
N ALA A 124 6.97 -1.00 9.68
CA ALA A 124 8.34 -0.51 9.81
C ALA A 124 8.70 -0.33 11.32
N VAL A 125 7.76 0.16 12.11
CA VAL A 125 8.00 0.36 13.55
C VAL A 125 8.25 -1.00 14.24
N LEU A 126 7.43 -2.02 13.90
CA LEU A 126 7.60 -3.36 14.46
C LEU A 126 9.06 -3.86 14.21
N VAL A 127 9.51 -3.71 12.96
CA VAL A 127 10.82 -4.21 12.54
C VAL A 127 11.95 -3.41 13.18
N ALA A 128 11.75 -2.09 13.24
CA ALA A 128 12.75 -1.14 13.73
C ALA A 128 12.99 -1.37 15.22
N MET A 129 11.90 -1.55 15.95
CA MET A 129 12.03 -1.74 17.41
C MET A 129 12.64 -3.11 17.71
N ASN A 130 12.28 -4.13 16.96
CA ASN A 130 12.84 -5.46 17.18
C ASN A 130 14.35 -5.42 17.05
N GLU A 131 14.81 -4.66 16.08
CA GLU A 131 16.21 -4.49 15.84
C GLU A 131 16.82 -3.59 16.91
N LEU A 132 16.15 -2.46 17.19
CA LEU A 132 16.68 -1.47 18.09
C LEU A 132 16.99 -2.09 19.46
N TRP A 133 16.09 -2.95 19.91
CA TRP A 133 16.14 -3.54 21.24
C TRP A 133 16.71 -4.95 21.17
N HIS A 134 16.99 -5.42 19.95
CA HIS A 134 17.38 -6.82 19.71
C HIS A 134 16.50 -7.77 20.47
N ALA A 135 15.19 -7.66 20.27
CA ALA A 135 14.21 -8.38 21.06
C ALA A 135 14.02 -9.84 20.66
N GLY A 136 14.56 -10.24 19.52
CA GLY A 136 14.40 -11.61 19.03
C GLY A 136 12.95 -12.06 18.81
N VAL A 137 12.13 -11.17 18.29
CA VAL A 137 10.77 -11.55 18.00
C VAL A 137 10.75 -12.14 16.58
N PRO A 138 10.31 -13.39 16.43
CA PRO A 138 10.44 -13.98 15.12
C PRO A 138 9.40 -13.46 14.13
N ARG A 139 9.61 -13.74 12.85
CA ARG A 139 8.74 -13.19 11.79
C ARG A 139 7.25 -13.58 12.02
N ARG A 140 7.02 -14.80 12.49
CA ARG A 140 5.65 -15.28 12.71
C ARG A 140 4.96 -14.48 13.82
N ASP A 141 5.70 -14.11 14.85
CA ASP A 141 5.15 -13.29 15.91
C ASP A 141 4.92 -11.83 15.47
N LEU A 142 5.84 -11.29 14.69
CA LEU A 142 5.62 -9.98 14.11
C LEU A 142 4.35 -9.97 13.24
N HIS A 143 4.11 -11.06 12.52
CA HIS A 143 2.91 -11.20 11.68
C HIS A 143 1.66 -11.10 12.47
N HIS A 144 1.61 -11.81 13.60
CA HIS A 144 0.46 -11.79 14.49
C HIS A 144 0.18 -10.39 15.01
N LEU A 145 1.25 -9.68 15.36
CA LEU A 145 1.11 -8.30 15.88
C LEU A 145 0.59 -7.40 14.78
N ALA A 146 1.10 -7.60 13.58
CA ALA A 146 0.64 -6.83 12.44
C ALA A 146 -0.82 -7.05 12.21
N ALA A 147 -1.28 -8.31 12.31
CA ALA A 147 -2.69 -8.62 12.07
C ALA A 147 -3.61 -7.94 13.11
N GLN A 148 -3.11 -7.78 14.33
CA GLN A 148 -3.88 -7.06 15.37
C GLN A 148 -4.00 -5.58 15.01
N LEU A 149 -2.96 -5.04 14.37
CA LEU A 149 -2.91 -3.61 14.09
C LEU A 149 -3.84 -3.20 12.99
N GLY A 150 -3.94 -4.01 11.93
CA GLY A 150 -4.70 -3.65 10.75
C GLY A 150 -4.55 -4.66 9.62
N SER A 151 -5.55 -4.69 8.74
CA SER A 151 -5.67 -5.68 7.65
C SER A 151 -4.53 -5.64 6.66
N ASP A 152 -3.94 -4.46 6.46
CA ASP A 152 -2.88 -4.31 5.47
C ASP A 152 -1.47 -4.27 6.09
N VAL A 153 -1.38 -4.39 7.42
CA VAL A 153 -0.05 -4.38 8.08
C VAL A 153 0.73 -5.64 7.79
N PRO A 154 0.09 -6.82 7.84
CA PRO A 154 0.84 -8.05 7.52
C PRO A 154 1.48 -7.97 6.14
N PHE A 155 0.78 -7.41 5.16
CA PHE A 155 1.38 -7.38 3.84
C PHE A 155 2.56 -6.41 3.81
N ALA A 156 2.46 -5.29 4.52
CA ALA A 156 3.61 -4.39 4.58
C ALA A 156 4.90 -5.05 5.16
N LEU A 157 4.76 -5.99 6.11
CA LEU A 157 5.88 -6.77 6.59
C LEU A 157 6.38 -7.72 5.51
N HIS A 158 5.43 -8.36 4.87
CA HIS A 158 5.69 -9.45 3.95
C HIS A 158 6.36 -8.99 2.65
N GLY A 159 5.79 -7.93 2.04
CA GLY A 159 6.17 -7.47 0.68
C GLY A 159 6.09 -8.49 -0.42
N GLY A 160 6.84 -8.25 -1.50
CA GLY A 160 6.77 -9.06 -2.71
C GLY A 160 5.38 -8.98 -3.30
N THR A 161 4.85 -10.16 -3.61
CA THR A 161 3.50 -10.31 -4.21
C THR A 161 2.85 -11.48 -3.53
N ALA A 162 1.63 -11.29 -3.07
CA ALA A 162 1.02 -12.28 -2.19
C ALA A 162 -0.47 -12.35 -2.30
N LEU A 163 -0.99 -13.57 -2.16
CA LEU A 163 -2.44 -13.82 -2.14
C LEU A 163 -2.96 -13.74 -0.71
N GLY A 164 -3.80 -12.73 -0.49
CA GLY A 164 -4.32 -12.44 0.83
C GLY A 164 -5.76 -12.88 0.91
N THR A 165 -6.08 -13.61 1.97
CA THR A 165 -7.42 -14.14 2.13
C THR A 165 -7.89 -13.84 3.53
N GLY A 166 -9.07 -14.38 3.90
CA GLY A 166 -9.69 -13.99 5.15
C GLY A 166 -10.20 -12.59 4.98
N ARG A 167 -9.56 -11.63 5.68
CA ARG A 167 -9.77 -10.20 5.47
C ARG A 167 -8.50 -9.52 4.93
N GLY A 168 -7.58 -10.32 4.38
CA GLY A 168 -6.34 -9.84 3.80
C GLY A 168 -5.10 -10.16 4.64
N GLU A 169 -5.28 -10.69 5.85
CA GLU A 169 -4.18 -10.82 6.80
C GLU A 169 -3.47 -12.14 6.60
N GLN A 170 -4.16 -13.12 6.00
CA GLN A 170 -3.59 -14.44 5.73
C GLN A 170 -2.97 -14.43 4.36
N LEU A 171 -1.67 -14.75 4.28
CA LEU A 171 -0.88 -14.46 3.10
C LEU A 171 -0.20 -15.69 2.57
N ALA A 172 -0.36 -15.91 1.29
CA ALA A 172 0.42 -16.94 0.58
C ALA A 172 1.18 -16.27 -0.51
N THR A 173 2.49 -16.30 -0.43
CA THR A 173 3.32 -15.68 -1.47
C THR A 173 3.08 -16.23 -2.88
N VAL A 174 3.12 -15.37 -3.90
CA VAL A 174 2.97 -15.83 -5.29
C VAL A 174 4.17 -15.30 -6.06
N LEU A 175 4.46 -15.95 -7.18
CA LEU A 175 5.57 -15.57 -8.02
C LEU A 175 5.15 -14.47 -8.98
N ALA A 176 5.95 -13.41 -9.00
CA ALA A 176 5.78 -12.34 -10.01
C ALA A 176 7.10 -12.27 -10.71
N ARG A 177 7.23 -13.03 -11.81
CA ARG A 177 8.54 -13.40 -12.42
C ARG A 177 9.04 -12.35 -13.41
N ASN A 178 9.05 -11.11 -12.95
CA ASN A 178 9.65 -10.01 -13.70
C ASN A 178 9.73 -8.78 -12.81
N VAL A 179 10.30 -7.70 -13.35
CA VAL A 179 10.11 -6.38 -12.80
C VAL A 179 8.94 -5.74 -13.54
N PHE A 180 7.98 -5.20 -12.79
CA PHE A 180 6.78 -4.62 -13.35
C PHE A 180 6.85 -3.15 -13.15
N HIS A 181 6.48 -2.40 -14.17
CA HIS A 181 6.67 -0.97 -14.21
C HIS A 181 5.35 -0.25 -14.06
N TRP A 182 5.34 0.72 -13.15
CA TRP A 182 4.12 1.39 -12.68
C TRP A 182 4.21 2.90 -12.74
N VAL A 183 3.05 3.52 -12.97
CA VAL A 183 2.87 4.94 -12.73
C VAL A 183 1.71 5.05 -11.75
N PHE A 184 1.89 5.88 -10.76
CA PHE A 184 0.83 6.17 -9.80
C PHE A 184 0.41 7.64 -9.87
N ALA A 185 -0.91 7.87 -9.92
CA ALA A 185 -1.45 9.22 -9.99
C ALA A 185 -2.14 9.49 -8.68
N PHE A 186 -1.57 10.39 -7.88
CA PHE A 186 -2.14 10.74 -6.60
C PHE A 186 -3.30 11.71 -6.87
N ALA A 187 -4.37 11.55 -6.13
CA ALA A 187 -5.54 12.41 -6.22
C ALA A 187 -5.36 13.69 -5.37
N ASP A 188 -6.26 14.66 -5.56
CA ASP A 188 -6.24 15.88 -4.76
C ASP A 188 -6.49 15.66 -3.28
N GLY A 189 -7.39 14.73 -2.98
CA GLY A 189 -7.72 14.41 -1.61
C GLY A 189 -7.52 12.91 -1.32
N GLY A 190 -8.26 12.42 -0.34
CA GLY A 190 -8.18 11.02 0.10
C GLY A 190 -9.56 10.43 0.17
N LEU A 191 -9.62 9.12 0.44
CA LEU A 191 -10.84 8.41 0.80
C LEU A 191 -10.64 7.58 2.06
N ALA A 192 -11.67 7.52 2.88
CA ALA A 192 -11.63 6.72 4.07
C ALA A 192 -12.03 5.33 3.66
N THR A 193 -11.18 4.34 3.94
CA THR A 193 -11.48 2.97 3.49
C THR A 193 -12.85 2.45 4.01
N PRO A 194 -13.22 2.75 5.28
CA PRO A 194 -14.58 2.37 5.67
C PRO A 194 -15.69 2.97 4.80
N GLN A 195 -15.50 4.19 4.32
CA GLN A 195 -16.51 4.80 3.47
C GLN A 195 -16.64 4.01 2.17
N VAL A 196 -15.49 3.53 1.66
CA VAL A 196 -15.50 2.85 0.38
C VAL A 196 -16.09 1.45 0.48
N PHE A 197 -15.84 0.78 1.61
CA PHE A 197 -16.53 -0.48 1.90
C PHE A 197 -18.03 -0.30 2.10
N LYS A 198 -18.44 0.79 2.75
CA LYS A 198 -19.85 1.08 2.90
C LYS A 198 -20.50 1.28 1.55
N GLU A 199 -19.76 1.93 0.64
CA GLU A 199 -20.29 2.22 -0.70
C GLU A 199 -20.44 0.98 -1.57
N ILE A 200 -19.46 0.06 -1.54
CA ILE A 200 -19.63 -1.15 -2.30
C ILE A 200 -20.85 -1.95 -1.80
N ASP A 201 -21.09 -1.92 -0.49
CA ASP A 201 -22.30 -2.61 0.03
C ASP A 201 -23.55 -1.92 -0.51
N ARG A 202 -23.53 -0.59 -0.53
CA ARG A 202 -24.62 0.21 -1.10
C ARG A 202 -24.84 -0.13 -2.60
N LEU A 203 -23.77 -0.19 -3.38
CA LEU A 203 -23.89 -0.51 -4.80
C LEU A 203 -24.50 -1.90 -4.99
N ARG A 204 -24.21 -2.82 -4.08
CA ARG A 204 -24.67 -4.19 -4.23
C ARG A 204 -26.10 -4.42 -3.68
N GLU A 205 -26.50 -3.63 -2.68
CA GLU A 205 -27.92 -3.54 -2.28
C GLU A 205 -28.70 -3.24 -3.55
N ASN A 206 -28.11 -2.39 -4.35
CA ASN A 206 -28.83 -1.68 -5.36
C ASN A 206 -28.94 -2.38 -6.73
N GLY A 207 -27.82 -2.84 -7.24
CA GLY A 207 -27.80 -3.64 -8.46
C GLY A 207 -27.12 -4.99 -8.25
N ASP A 208 -26.82 -5.64 -9.37
CA ASP A 208 -26.14 -6.95 -9.39
C ASP A 208 -25.02 -6.84 -10.40
N PRO A 209 -24.13 -5.86 -10.21
CA PRO A 209 -23.05 -5.67 -11.13
C PRO A 209 -22.06 -6.87 -11.10
N PRO A 210 -21.17 -6.97 -12.11
CA PRO A 210 -20.28 -8.12 -12.24
C PRO A 210 -19.23 -8.27 -11.12
N ARG A 211 -18.89 -9.52 -10.86
CA ARG A 211 -17.83 -9.88 -9.93
C ARG A 211 -16.64 -10.31 -10.77
N LEU A 212 -15.43 -10.21 -10.21
CA LEU A 212 -14.24 -10.70 -10.85
C LEU A 212 -14.29 -12.21 -11.04
N ALA A 213 -13.64 -12.65 -12.11
CA ALA A 213 -13.32 -14.08 -12.27
C ALA A 213 -12.39 -14.51 -11.15
N GLU A 214 -12.23 -15.81 -11.03
CA GLU A 214 -11.23 -16.35 -10.10
C GLU A 214 -9.86 -15.79 -10.49
N ALA A 215 -8.95 -15.77 -9.52
CA ALA A 215 -7.61 -15.20 -9.70
C ALA A 215 -6.66 -16.09 -10.50
N ASP A 216 -7.10 -17.29 -10.92
CA ASP A 216 -6.19 -18.23 -11.59
C ASP A 216 -5.35 -17.62 -12.73
N GLU A 217 -6.04 -17.04 -13.70
CA GLU A 217 -5.39 -16.52 -14.93
CA GLU A 217 -5.34 -16.56 -14.90
C GLU A 217 -4.40 -15.40 -14.61
N LEU A 218 -4.84 -14.50 -13.74
CA LEU A 218 -3.99 -13.41 -13.28
C LEU A 218 -2.74 -13.96 -12.62
N LEU A 219 -2.90 -14.98 -11.76
CA LEU A 219 -1.73 -15.55 -11.10
C LEU A 219 -0.80 -16.22 -12.10
N GLY A 220 -1.37 -16.83 -13.14
CA GLY A 220 -0.59 -17.45 -14.15
C GLY A 220 0.22 -16.43 -14.92
N ALA A 221 -0.39 -15.30 -15.24
CA ALA A 221 0.33 -14.22 -15.95
C ALA A 221 1.49 -13.68 -15.10
N LEU A 222 1.27 -13.56 -13.79
CA LEU A 222 2.34 -13.14 -12.91
C LEU A 222 3.47 -14.16 -12.88
N ALA A 223 3.12 -15.45 -12.81
CA ALA A 223 4.14 -16.47 -12.79
C ALA A 223 4.93 -16.55 -14.09
N ALA A 224 4.32 -16.15 -15.20
CA ALA A 224 4.97 -16.08 -16.51
C ALA A 224 5.79 -14.82 -16.63
N GLY A 225 5.59 -13.87 -15.73
CA GLY A 225 6.30 -12.58 -15.76
C GLY A 225 5.84 -11.72 -16.93
N ASP A 226 4.58 -11.84 -17.31
CA ASP A 226 4.10 -11.24 -18.57
C ASP A 226 3.14 -10.08 -18.32
N ALA A 227 3.66 -8.85 -18.36
CA ALA A 227 2.84 -7.69 -18.09
C ALA A 227 1.70 -7.52 -19.10
N ARG A 228 1.94 -7.85 -20.37
CA ARG A 228 0.87 -7.67 -21.38
C ARG A 228 -0.29 -8.60 -21.12
N ARG A 229 0.02 -9.83 -20.68
CA ARG A 229 -1.03 -10.76 -20.31
C ARG A 229 -1.71 -10.34 -19.00
N LEU A 230 -0.92 -9.82 -18.07
CA LEU A 230 -1.45 -9.41 -16.76
C LEU A 230 -2.46 -8.28 -16.85
N ALA A 231 -2.17 -7.34 -17.71
CA ALA A 231 -2.87 -6.05 -17.68
C ALA A 231 -4.35 -6.16 -17.78
N PRO A 232 -4.88 -6.86 -18.81
CA PRO A 232 -6.33 -6.94 -18.88
C PRO A 232 -7.00 -7.77 -17.78
N LEU A 233 -6.21 -8.53 -17.00
CA LEU A 233 -6.72 -9.33 -15.91
C LEU A 233 -6.71 -8.60 -14.57
N LEU A 234 -6.05 -7.45 -14.50
CA LEU A 234 -6.10 -6.64 -13.28
C LEU A 234 -7.54 -6.30 -12.99
N GLY A 235 -7.92 -6.28 -11.73
CA GLY A 235 -9.28 -5.84 -11.38
C GLY A 235 -9.47 -5.70 -9.89
N ASN A 236 -10.35 -4.77 -9.55
CA ASN A 236 -10.51 -4.33 -8.17
C ASN A 236 -12.00 -4.04 -7.97
N GLU A 237 -12.71 -4.88 -7.21
CA GLU A 237 -14.12 -4.68 -6.98
C GLU A 237 -14.46 -3.40 -6.22
N LEU A 238 -13.50 -2.84 -5.48
CA LEU A 238 -13.70 -1.56 -4.78
C LEU A 238 -13.67 -0.39 -5.73
N GLN A 239 -13.13 -0.58 -6.94
CA GLN A 239 -13.01 0.53 -7.91
C GLN A 239 -14.35 1.19 -8.16
N ALA A 240 -15.40 0.40 -8.37
CA ALA A 240 -16.73 1.00 -8.67
C ALA A 240 -17.17 1.91 -7.51
N ALA A 241 -16.85 1.52 -6.27
CA ALA A 241 -17.19 2.32 -5.10
C ALA A 241 -16.36 3.63 -5.04
N ALA A 242 -15.06 3.53 -5.27
CA ALA A 242 -14.18 4.70 -5.28
C ALA A 242 -14.59 5.68 -6.39
N VAL A 243 -14.93 5.16 -7.58
CA VAL A 243 -15.35 6.03 -8.71
C VAL A 243 -16.74 6.62 -8.48
N SER A 244 -17.61 5.87 -7.79
CA SER A 244 -18.94 6.40 -7.41
C SER A 244 -18.75 7.61 -6.52
N LEU A 245 -17.82 7.50 -5.58
CA LEU A 245 -17.57 8.59 -4.64
C LEU A 245 -16.76 9.77 -5.29
N ASN A 246 -15.82 9.43 -6.16
CA ASN A 246 -14.93 10.37 -6.81
C ASN A 246 -14.99 10.19 -8.34
N PRO A 247 -16.03 10.72 -8.98
CA PRO A 247 -16.25 10.41 -10.41
C PRO A 247 -15.14 10.91 -11.33
N GLU A 248 -14.43 11.93 -10.88
CA GLU A 248 -13.29 12.50 -11.61
C GLU A 248 -12.19 11.45 -11.86
N LEU A 249 -12.15 10.36 -11.08
CA LEU A 249 -11.18 9.32 -11.31
C LEU A 249 -11.31 8.67 -12.68
N ARG A 250 -12.48 8.72 -13.26
CA ARG A 250 -12.65 8.16 -14.60
C ARG A 250 -11.74 8.91 -15.58
N ARG A 251 -11.61 10.24 -15.41
CA ARG A 251 -10.74 11.07 -16.30
C ARG A 251 -9.29 10.69 -16.11
N THR A 252 -8.90 10.46 -14.86
CA THR A 252 -7.51 10.06 -14.59
C THR A 252 -7.23 8.72 -15.27
N LEU A 253 -8.12 7.76 -15.12
CA LEU A 253 -7.88 6.42 -15.70
C LEU A 253 -7.79 6.50 -17.21
N ARG A 254 -8.74 7.18 -17.81
CA ARG A 254 -8.77 7.28 -19.26
C ARG A 254 -7.52 7.97 -19.76
N ALA A 255 -7.06 9.00 -19.05
CA ALA A 255 -5.87 9.74 -19.45
C ALA A 255 -4.63 8.90 -19.46
N GLY A 256 -4.44 8.10 -18.40
CA GLY A 256 -3.28 7.23 -18.24
C GLY A 256 -3.27 6.16 -19.30
N GLU A 257 -4.46 5.67 -19.61
CA GLU A 257 -4.57 4.63 -20.61
C GLU A 257 -4.24 5.15 -22.00
N SER A 258 -4.80 6.32 -22.36
CA SER A 258 -4.51 6.91 -23.68
CA SER A 258 -4.51 6.96 -23.67
C SER A 258 -3.04 7.35 -23.82
N ALA A 259 -2.38 7.66 -22.70
CA ALA A 259 -0.94 7.99 -22.69
C ALA A 259 -0.06 6.76 -22.92
N GLY A 260 -0.62 5.58 -22.83
CA GLY A 260 0.20 4.41 -23.17
C GLY A 260 0.24 3.27 -22.14
N ALA A 261 -0.43 3.45 -21.02
CA ALA A 261 -0.50 2.39 -20.03
C ALA A 261 -1.19 1.20 -20.64
N LEU A 262 -0.72 0.00 -20.29
CA LEU A 262 -1.47 -1.23 -20.63
C LEU A 262 -2.84 -1.33 -19.97
N ALA A 263 -2.91 -0.87 -18.72
CA ALA A 263 -4.18 -0.82 -18.00
C ALA A 263 -4.07 0.14 -16.89
N GLY A 264 -5.22 0.68 -16.49
CA GLY A 264 -5.30 1.53 -15.29
C GLY A 264 -6.31 0.93 -14.33
N ILE A 265 -6.02 1.03 -13.04
CA ILE A 265 -6.91 0.54 -11.99
C ILE A 265 -6.81 1.48 -10.80
N VAL A 266 -7.91 1.64 -10.10
CA VAL A 266 -7.83 2.24 -8.78
C VAL A 266 -7.03 1.35 -7.83
N SER A 267 -6.15 1.95 -7.00
CA SER A 267 -5.40 1.15 -5.99
C SER A 267 -6.23 1.00 -4.72
N GLY A 268 -6.55 -0.23 -4.37
CA GLY A 268 -7.32 -0.54 -3.15
C GLY A 268 -8.61 0.25 -3.06
N SER A 269 -8.80 0.95 -1.94
CA SER A 269 -10.00 1.76 -1.75
C SER A 269 -9.88 3.16 -2.36
N GLY A 270 -8.75 3.45 -3.01
CA GLY A 270 -8.54 4.69 -3.76
C GLY A 270 -8.19 5.86 -2.84
N PRO A 271 -8.09 7.07 -3.43
CA PRO A 271 -8.35 7.37 -4.83
C PRO A 271 -7.09 7.35 -5.77
N THR A 272 -5.96 6.81 -5.33
CA THR A 272 -4.81 6.70 -6.20
C THR A 272 -5.14 5.82 -7.38
N CYS A 273 -4.67 6.19 -8.58
CA CYS A 273 -4.78 5.32 -9.73
C CYS A 273 -3.40 4.75 -10.05
N ALA A 274 -3.38 3.47 -10.42
CA ALA A 274 -2.17 2.77 -10.81
C ALA A 274 -2.25 2.38 -12.26
N PHE A 275 -1.13 2.47 -12.92
CA PHE A 275 -1.05 2.20 -14.33
C PHE A 275 0.11 1.25 -14.61
N LEU A 276 -0.20 0.09 -15.13
CA LEU A 276 0.83 -0.88 -15.49
C LEU A 276 1.31 -0.56 -16.90
N CYS A 277 2.62 -0.48 -17.05
CA CYS A 277 3.25 -0.12 -18.31
C CYS A 277 4.14 -1.27 -18.79
N THR A 278 4.47 -1.29 -20.05
CA THR A 278 5.24 -2.45 -20.58
C THR A 278 6.70 -2.37 -20.22
N SER A 279 7.20 -1.18 -19.99
CA SER A 279 8.63 -0.94 -19.84
C SER A 279 8.89 0.31 -19.03
N ALA A 280 10.10 0.46 -18.51
CA ALA A 280 10.55 1.77 -17.96
C ALA A 280 10.24 2.98 -18.85
N ASP A 281 10.56 2.88 -20.12
CA ASP A 281 10.31 3.97 -21.05
C ASP A 281 8.84 4.30 -21.23
N ASP A 282 7.95 3.31 -21.24
CA ASP A 282 6.54 3.64 -21.29
C ASP A 282 6.09 4.35 -20.05
N ALA A 283 6.59 3.94 -18.89
CA ALA A 283 6.25 4.61 -17.63
C ALA A 283 6.76 6.03 -17.65
N VAL A 284 7.91 6.24 -18.29
CA VAL A 284 8.38 7.63 -18.54
C VAL A 284 7.34 8.48 -19.31
N GLN A 285 6.82 7.94 -20.43
CA GLN A 285 5.82 8.60 -21.26
C GLN A 285 4.54 8.81 -20.48
N VAL A 286 4.07 7.77 -19.80
CA VAL A 286 2.78 7.87 -19.14
C VAL A 286 2.80 8.89 -18.02
N SER A 287 3.88 8.92 -17.24
CA SER A 287 3.94 9.83 -16.11
C SER A 287 4.01 11.26 -16.63
N ALA A 288 4.80 11.47 -17.66
CA ALA A 288 4.93 12.80 -18.26
C ALA A 288 3.61 13.34 -18.82
N GLU A 289 2.87 12.49 -19.52
CA GLU A 289 1.57 12.93 -20.04
C GLU A 289 0.52 13.19 -18.94
N LEU A 290 0.46 12.34 -17.91
CA LEU A 290 -0.46 12.58 -16.81
C LEU A 290 -0.17 13.88 -16.11
N ALA A 291 1.12 14.14 -15.86
CA ALA A 291 1.53 15.36 -15.24
C ALA A 291 1.07 16.54 -16.07
N GLY A 292 1.06 16.39 -17.38
CA GLY A 292 0.69 17.48 -18.31
C GLY A 292 -0.80 17.59 -18.58
N ALA A 293 -1.57 16.55 -18.19
CA ALA A 293 -2.99 16.42 -18.61
C ALA A 293 -3.99 17.10 -17.66
N GLY A 294 -3.53 17.57 -16.51
CA GLY A 294 -4.40 18.25 -15.54
C GLY A 294 -5.55 17.39 -15.00
N VAL A 295 -5.27 16.12 -14.69
CA VAL A 295 -6.30 15.21 -14.22
C VAL A 295 -6.00 14.64 -12.83
N CYS A 296 -4.80 14.89 -12.31
CA CYS A 296 -4.49 14.46 -10.94
C CYS A 296 -3.58 15.49 -10.26
N ARG A 297 -3.31 15.27 -8.97
CA ARG A 297 -2.47 16.15 -8.20
C ARG A 297 -0.99 16.07 -8.56
N THR A 298 -0.46 14.86 -8.56
CA THR A 298 0.96 14.64 -8.80
C THR A 298 1.17 13.18 -9.23
N VAL A 299 2.28 12.94 -9.94
CA VAL A 299 2.53 11.64 -10.55
CA VAL A 299 2.52 11.64 -10.56
C VAL A 299 3.85 11.04 -10.06
N ARG A 300 3.88 9.71 -9.97
CA ARG A 300 5.04 8.95 -9.50
C ARG A 300 5.31 7.81 -10.45
N VAL A 301 6.59 7.45 -10.59
CA VAL A 301 6.99 6.24 -11.26
C VAL A 301 7.53 5.31 -10.20
N ALA A 302 7.24 4.03 -10.33
CA ALA A 302 7.71 2.99 -9.40
C ALA A 302 7.83 1.67 -10.11
N SER A 303 8.44 0.73 -9.42
CA SER A 303 8.46 -0.64 -9.89
C SER A 303 8.13 -1.58 -8.74
N GLY A 304 7.81 -2.80 -9.13
CA GLY A 304 7.52 -3.88 -8.20
C GLY A 304 7.86 -5.19 -8.86
N PRO A 305 8.04 -6.22 -8.07
CA PRO A 305 7.86 -6.24 -6.62
C PRO A 305 9.08 -5.75 -5.86
N VAL A 306 8.88 -5.28 -4.64
CA VAL A 306 9.99 -4.95 -3.78
C VAL A 306 9.80 -5.66 -2.45
N HIS A 307 10.82 -5.62 -1.62
CA HIS A 307 10.80 -6.30 -0.33
C HIS A 307 9.84 -5.65 0.63
N GLY A 308 9.50 -6.42 1.66
CA GLY A 308 8.68 -5.93 2.77
C GLY A 308 9.53 -5.08 3.69
N ALA A 309 8.94 -4.69 4.81
CA ALA A 309 9.65 -3.86 5.80
C ALA A 309 11.04 -4.45 6.14
N GLN A 310 12.09 -3.67 5.90
CA GLN A 310 13.47 -4.13 6.11
C GLN A 310 14.35 -2.99 6.62
N VAL A 311 15.28 -3.32 7.50
CA VAL A 311 16.24 -2.36 7.97
C VAL A 311 17.14 -1.90 6.84
N ILE A 312 17.40 -0.61 6.76
CA ILE A 312 18.41 -0.07 5.87
C ILE A 312 19.68 0.19 6.66
PG ATP B . -5.62 1.24 3.20
O1G ATP B . -4.74 0.34 4.07
O2G ATP B . -5.24 1.24 1.73
O3G ATP B . -7.07 1.12 3.72
PB ATP B . -4.79 4.03 2.98
O1B ATP B . -3.40 4.05 2.40
O2B ATP B . -5.95 4.36 2.08
O3B ATP B . -5.01 2.67 3.75
PA ATP B . -3.53 5.46 5.15
O1A ATP B . -2.74 6.60 4.51
O2A ATP B . -2.80 4.21 5.58
O3A ATP B . -4.77 5.06 4.24
O5' ATP B . -4.37 5.89 6.43
C5' ATP B . -5.09 7.15 6.41
C4' ATP B . -5.91 7.33 7.69
O4' ATP B . -5.19 6.87 8.86
C3' ATP B . -6.24 8.76 7.98
O3' ATP B . -7.47 8.75 8.76
C2' ATP B . -5.03 9.23 8.77
O2' ATP B . -5.25 10.43 9.58
C1' ATP B . -4.77 8.02 9.63
N9 ATP B . -3.36 7.71 9.90
C8 ATP B . -2.96 7.21 11.09
N7 ATP B . -1.63 6.94 11.02
C5 ATP B . -1.20 7.30 9.78
C6 ATP B . 0.11 7.28 9.12
N6 ATP B . 1.19 6.80 9.81
N1 ATP B . 0.17 7.62 7.79
C2 ATP B . -0.93 8.14 7.17
N3 ATP B . -2.17 8.21 7.77
C4 ATP B . -2.34 7.79 9.05
#